data_4DQJ
#
_entry.id   4DQJ
#
_cell.length_a   43.816
_cell.length_b   50.936
_cell.length_c   65.020
_cell.angle_alpha   90.00
_cell.angle_beta   103.48
_cell.angle_gamma   90.00
#
_symmetry.space_group_name_H-M   'P 1 21 1'
#
loop_
_entity.id
_entity.type
_entity.pdbx_description
1 polymer 'Membrane protein Phi6 P5'
2 branched 2-acetamido-2-deoxy-beta-D-glucopyranose-(1-4)-2-acetamido-2-deoxy-beta-D-glucopyranose-(1-4)-2-acetamido-2-deoxy-beta-D-glucopyranose-(1-4)-2-acetamido-2-deoxy-beta-D-glucopyranose
3 non-polymer '4-(2-AMINOETHYL)BENZENESULFONYL FLUORIDE'
4 water water
#
_entity_poly.entity_id   1
_entity_poly.type   'polypeptide(L)'
_entity_poly.pdbx_seq_one_letter_code
;LQALLPKAQSVGNSRVRFTTAEVDSAVARISQKIGVPASYYQFLIPIENFVVAGGFETTVSGSFRGLGQFNRQTWDGLRR
LGRNLPAFEEGSAQLNASLYAIGFLYLENKRAYEASFKGRVFTHEIAYLYHNQGAPAAEQYLTSGRLVYPKQSEAAVAAF
AAARNQHVKESWA
;
_entity_poly.pdbx_strand_id   A,B
#
# COMPACT_ATOMS: atom_id res chain seq x y z
N SER A 14 -7.07 -15.80 0.73
CA SER A 14 -7.26 -14.48 0.07
C SER A 14 -6.05 -14.06 -0.78
N ARG A 15 -5.14 -15.01 -1.03
CA ARG A 15 -4.08 -14.75 -2.02
C ARG A 15 -4.16 -15.83 -3.07
N VAL A 16 -3.57 -15.52 -4.20
CA VAL A 16 -3.41 -16.45 -5.27
C VAL A 16 -1.91 -16.51 -5.45
N ARG A 17 -1.41 -17.71 -5.65
CA ARG A 17 0.01 -17.91 -5.95
C ARG A 17 0.17 -18.20 -7.44
N PHE A 18 1.13 -17.52 -8.07
CA PHE A 18 1.51 -17.75 -9.45
C PHE A 18 2.98 -18.09 -9.51
N THR A 19 3.38 -18.92 -10.46
CA THR A 19 4.78 -19.23 -10.67
C THR A 19 5.47 -18.23 -11.59
N THR A 20 6.77 -18.08 -11.44
CA THR A 20 7.56 -17.26 -12.33
C THR A 20 7.36 -17.69 -13.76
N ALA A 21 7.37 -18.99 -14.01
CA ALA A 21 7.22 -19.49 -15.36
C ALA A 21 5.93 -19.07 -16.00
N GLU A 22 4.82 -19.18 -15.29
CA GLU A 22 3.57 -18.84 -15.90
C GLU A 22 3.41 -17.33 -16.08
N VAL A 23 3.89 -16.55 -15.13
CA VAL A 23 3.87 -15.09 -15.29
C VAL A 23 4.72 -14.69 -16.49
N ASP A 24 5.92 -15.22 -16.59
CA ASP A 24 6.81 -14.82 -17.69
C ASP A 24 6.18 -15.19 -19.04
N SER A 25 5.56 -16.36 -19.16
CA SER A 25 4.95 -16.79 -20.41
C SER A 25 3.79 -15.87 -20.76
N ALA A 26 2.93 -15.58 -19.78
CA ALA A 26 1.76 -14.75 -20.04
C ALA A 26 2.17 -13.32 -20.37
N VAL A 27 3.12 -12.78 -19.63
CA VAL A 27 3.62 -11.44 -19.92
C VAL A 27 4.20 -11.40 -21.35
N ALA A 28 4.95 -12.40 -21.76
CA ALA A 28 5.53 -12.36 -23.10
C ALA A 28 4.44 -12.32 -24.16
N ARG A 29 3.40 -13.12 -23.98
CA ARG A 29 2.30 -13.20 -24.94
CA ARG A 29 2.33 -13.19 -24.97
C ARG A 29 1.49 -11.91 -24.95
N ILE A 30 1.10 -11.47 -23.77
CA ILE A 30 0.23 -10.31 -23.67
C ILE A 30 0.94 -9.03 -24.08
N SER A 31 2.18 -8.85 -23.64
CA SER A 31 2.93 -7.67 -23.99
C SER A 31 3.01 -7.52 -25.51
N GLN A 32 3.19 -8.63 -26.19
CA GLN A 32 3.24 -8.63 -27.64
C GLN A 32 1.91 -8.26 -28.28
N LYS A 33 0.84 -8.81 -27.73
CA LYS A 33 -0.48 -8.62 -28.27
C LYS A 33 -0.92 -7.17 -28.20
N ILE A 34 -0.61 -6.51 -27.08
CA ILE A 34 -1.14 -5.17 -26.85
C ILE A 34 -0.12 -4.04 -26.93
N GLY A 35 1.14 -4.35 -27.15
CA GLY A 35 2.14 -3.33 -27.38
C GLY A 35 2.58 -2.59 -26.15
N VAL A 36 2.72 -3.33 -25.07
CA VAL A 36 3.24 -2.83 -23.82
C VAL A 36 4.54 -3.58 -23.57
N PRO A 37 5.61 -2.90 -23.20
CA PRO A 37 6.88 -3.64 -23.05
C PRO A 37 6.86 -4.62 -21.88
N ALA A 38 7.40 -5.81 -22.09
CA ALA A 38 7.44 -6.82 -21.02
C ALA A 38 8.22 -6.29 -19.83
N SER A 39 9.26 -5.51 -20.07
CA SER A 39 10.07 -4.97 -19.01
C SER A 39 9.30 -4.06 -18.05
N TYR A 40 8.20 -3.48 -18.49
CA TYR A 40 7.36 -2.72 -17.57
C TYR A 40 6.70 -3.66 -16.55
N TYR A 41 6.12 -4.76 -17.04
CA TYR A 41 5.59 -5.79 -16.12
C TYR A 41 6.66 -6.33 -15.21
N GLN A 42 7.86 -6.55 -15.72
CA GLN A 42 8.92 -7.11 -14.92
C GLN A 42 9.29 -6.19 -13.77
N PHE A 43 9.16 -4.88 -13.97
CA PHE A 43 9.36 -3.89 -12.94
C PHE A 43 8.19 -3.85 -11.96
N LEU A 44 6.98 -3.72 -12.47
CA LEU A 44 5.83 -3.47 -11.62
C LEU A 44 5.48 -4.68 -10.72
N ILE A 45 5.50 -5.87 -11.27
CA ILE A 45 4.97 -7.04 -10.53
C ILE A 45 5.69 -7.28 -9.19
N PRO A 46 7.03 -7.29 -9.17
CA PRO A 46 7.66 -7.49 -7.86
C PRO A 46 7.44 -6.33 -6.90
N ILE A 47 7.25 -5.12 -7.41
CA ILE A 47 7.00 -3.99 -6.55
C ILE A 47 5.69 -4.15 -5.79
N GLU A 48 4.69 -4.66 -6.46
CA GLU A 48 3.33 -4.67 -5.95
C GLU A 48 2.93 -5.94 -5.20
N ASN A 49 3.72 -7.00 -5.30
CA ASN A 49 3.28 -8.30 -4.84
C ASN A 49 4.30 -8.95 -3.95
N PHE A 50 3.90 -10.05 -3.30
CA PHE A 50 4.76 -10.79 -2.43
C PHE A 50 5.64 -11.74 -3.25
N VAL A 51 6.91 -11.44 -3.32
CA VAL A 51 7.87 -12.28 -4.03
C VAL A 51 8.22 -13.45 -3.15
N VAL A 52 8.04 -14.63 -3.70
CA VAL A 52 8.36 -15.87 -3.02
C VAL A 52 9.27 -16.68 -3.93
N ALA A 53 9.90 -17.71 -3.37
CA ALA A 53 10.75 -18.59 -4.18
C ALA A 53 9.90 -19.12 -5.33
N GLY A 54 10.34 -18.90 -6.56
CA GLY A 54 9.65 -19.42 -7.71
C GLY A 54 8.39 -18.70 -8.13
N GLY A 55 8.09 -17.52 -7.57
CA GLY A 55 6.92 -16.81 -8.06
C GLY A 55 6.46 -15.67 -7.19
N PHE A 56 5.14 -15.50 -7.16
CA PHE A 56 4.50 -14.37 -6.51
C PHE A 56 3.23 -14.81 -5.83
N GLU A 57 2.89 -14.10 -4.76
CA GLU A 57 1.56 -14.21 -4.19
C GLU A 57 0.92 -12.85 -4.28
N THR A 58 -0.34 -12.84 -4.67
CA THR A 58 -1.04 -11.59 -4.87
C THR A 58 -2.34 -11.59 -4.10
N THR A 59 -2.66 -10.46 -3.49
CA THR A 59 -3.85 -10.35 -2.69
C THR A 59 -5.07 -10.22 -3.57
N VAL A 60 -6.11 -11.01 -3.30
CA VAL A 60 -7.32 -11.02 -4.14
C VAL A 60 -8.57 -10.82 -3.31
N SER A 61 -8.36 -10.33 -2.09
CA SER A 61 -9.44 -9.95 -1.24
C SER A 61 -9.26 -8.46 -0.97
N GLY A 62 -10.29 -7.85 -0.39
CA GLY A 62 -10.21 -6.46 0.01
C GLY A 62 -10.21 -5.52 -1.17
N SER A 63 -9.73 -4.33 -0.91
CA SER A 63 -9.87 -3.22 -1.87
C SER A 63 -8.93 -3.19 -3.06
N PHE A 64 -7.71 -3.71 -2.90
CA PHE A 64 -6.71 -3.67 -3.95
C PHE A 64 -6.28 -5.06 -4.27
N ARG A 65 -6.45 -5.46 -5.51
CA ARG A 65 -6.41 -6.86 -5.85
C ARG A 65 -5.58 -7.15 -7.06
N GLY A 66 -4.95 -8.30 -7.03
CA GLY A 66 -4.33 -8.84 -8.19
C GLY A 66 -2.95 -8.29 -8.41
N LEU A 67 -2.35 -8.78 -9.46
CA LEU A 67 -0.96 -8.44 -9.75
C LEU A 67 -0.77 -6.93 -9.89
N GLY A 68 -1.78 -6.22 -10.38
CA GLY A 68 -1.70 -4.77 -10.52
C GLY A 68 -2.16 -4.02 -9.32
N GLN A 69 -2.74 -4.73 -8.35
CA GLN A 69 -3.22 -4.08 -7.15
C GLN A 69 -4.17 -2.92 -7.49
N PHE A 70 -5.13 -3.27 -8.34
CA PHE A 70 -6.22 -2.38 -8.77
C PHE A 70 -7.27 -2.27 -7.72
N ASN A 71 -7.84 -1.07 -7.55
CA ASN A 71 -9.13 -0.97 -6.90
C ASN A 71 -10.26 -1.12 -7.89
N ARG A 72 -11.47 -1.35 -7.37
CA ARG A 72 -12.62 -1.67 -8.20
C ARG A 72 -12.95 -0.52 -9.16
N GLN A 73 -12.79 0.70 -8.69
CA GLN A 73 -13.15 1.85 -9.50
C GLN A 73 -12.23 1.99 -10.70
N THR A 74 -10.94 1.69 -10.54
CA THR A 74 -10.03 1.78 -11.66
C THR A 74 -10.18 0.60 -12.60
N TRP A 75 -10.42 -0.62 -12.06
CA TRP A 75 -10.70 -1.79 -12.90
C TRP A 75 -11.91 -1.52 -13.74
N ASP A 76 -12.97 -1.11 -13.08
CA ASP A 76 -14.21 -0.79 -13.82
C ASP A 76 -14.02 0.36 -14.79
N GLY A 77 -13.18 1.32 -14.44
CA GLY A 77 -12.85 2.41 -15.35
C GLY A 77 -12.27 1.91 -16.67
N LEU A 78 -11.46 0.84 -16.62
CA LEU A 78 -10.96 0.26 -17.87
C LEU A 78 -12.09 -0.37 -18.69
N ARG A 79 -12.97 -1.07 -18.01
CA ARG A 79 -14.11 -1.67 -18.67
C ARG A 79 -14.99 -0.58 -19.29
N ARG A 80 -15.10 0.58 -18.65
CA ARG A 80 -15.91 1.67 -19.23
C ARG A 80 -15.36 2.12 -20.59
N LEU A 81 -14.05 1.98 -20.81
CA LEU A 81 -13.40 2.36 -22.08
C LEU A 81 -13.67 1.39 -23.21
N GLY A 82 -14.27 0.26 -22.90
CA GLY A 82 -14.49 -0.75 -23.91
C GLY A 82 -13.46 -1.85 -23.88
N ARG A 83 -12.56 -1.84 -22.89
CA ARG A 83 -11.63 -2.96 -22.72
C ARG A 83 -12.40 -4.16 -22.25
N ASN A 84 -12.18 -5.28 -22.93
CA ASN A 84 -12.84 -6.53 -22.58
C ASN A 84 -12.04 -7.14 -21.43
N LEU A 85 -12.59 -6.98 -20.24
CA LEU A 85 -12.05 -7.57 -19.05
C LEU A 85 -13.18 -8.28 -18.35
N PRO A 86 -12.86 -9.38 -17.66
CA PRO A 86 -13.81 -9.91 -16.70
C PRO A 86 -14.13 -8.90 -15.61
N ALA A 87 -15.14 -9.20 -14.83
CA ALA A 87 -15.46 -8.41 -13.66
C ALA A 87 -14.29 -8.37 -12.70
N PHE A 88 -14.22 -7.28 -11.94
CA PHE A 88 -13.11 -7.00 -11.02
C PHE A 88 -12.74 -8.22 -10.16
N GLU A 89 -13.76 -8.84 -9.55
CA GLU A 89 -13.53 -9.90 -8.57
C GLU A 89 -13.08 -11.19 -9.22
N GLU A 90 -13.42 -11.37 -10.49
CA GLU A 90 -12.97 -12.53 -11.26
C GLU A 90 -11.60 -12.27 -11.87
N GLY A 91 -11.50 -11.19 -12.65
CA GLY A 91 -10.27 -10.89 -13.39
C GLY A 91 -9.06 -10.62 -12.53
N SER A 92 -9.23 -10.07 -11.33
CA SER A 92 -8.08 -9.76 -10.48
CA SER A 92 -8.07 -9.80 -10.48
C SER A 92 -7.42 -11.04 -9.93
N ALA A 93 -8.19 -12.12 -9.82
CA ALA A 93 -7.66 -13.37 -9.30
C ALA A 93 -7.09 -14.22 -10.44
N GLN A 94 -7.19 -13.71 -11.67
CA GLN A 94 -6.78 -14.42 -12.87
C GLN A 94 -5.49 -13.84 -13.42
N LEU A 95 -4.62 -14.70 -13.90
CA LEU A 95 -3.33 -14.28 -14.41
C LEU A 95 -3.52 -13.38 -15.64
N ASN A 96 -4.13 -13.91 -16.68
CA ASN A 96 -4.20 -13.18 -17.95
C ASN A 96 -4.97 -11.88 -17.82
N ALA A 97 -6.12 -11.88 -17.16
CA ALA A 97 -6.94 -10.67 -17.10
C ALA A 97 -6.20 -9.61 -16.35
N SER A 98 -5.54 -9.98 -15.25
CA SER A 98 -4.83 -8.98 -14.46
CA SER A 98 -4.83 -9.00 -14.43
C SER A 98 -3.68 -8.36 -15.21
N LEU A 99 -3.03 -9.14 -16.06
CA LEU A 99 -1.95 -8.65 -16.91
C LEU A 99 -2.49 -7.77 -18.00
N TYR A 100 -3.59 -8.15 -18.65
CA TYR A 100 -4.23 -7.25 -19.60
C TYR A 100 -4.58 -5.91 -18.95
N ALA A 101 -5.13 -5.93 -17.74
CA ALA A 101 -5.56 -4.71 -17.08
C ALA A 101 -4.37 -3.78 -16.85
N ILE A 102 -3.27 -4.32 -16.31
CA ILE A 102 -2.08 -3.51 -16.12
C ILE A 102 -1.68 -2.81 -17.42
N GLY A 103 -1.70 -3.57 -18.51
CA GLY A 103 -1.31 -3.04 -19.81
C GLY A 103 -2.28 -2.05 -20.39
N PHE A 104 -3.57 -2.31 -20.25
CA PHE A 104 -4.56 -1.37 -20.73
C PHE A 104 -4.43 -0.03 -20.00
N LEU A 105 -4.14 -0.10 -18.69
CA LEU A 105 -3.98 1.11 -17.94
C LEU A 105 -2.69 1.85 -18.37
N TYR A 106 -1.62 1.10 -18.62
CA TYR A 106 -0.40 1.68 -19.14
C TYR A 106 -0.71 2.44 -20.41
N LEU A 107 -1.48 1.85 -21.31
CA LEU A 107 -1.75 2.49 -22.60
C LEU A 107 -2.58 3.76 -22.46
N GLU A 108 -3.57 3.76 -21.58
CA GLU A 108 -4.32 4.99 -21.31
C GLU A 108 -3.41 6.07 -20.71
N ASN A 109 -2.57 5.66 -19.77
CA ASN A 109 -1.66 6.61 -19.15
C ASN A 109 -0.62 7.13 -20.09
N LYS A 110 -0.15 6.30 -21.03
CA LYS A 110 0.83 6.77 -22.01
C LYS A 110 0.22 7.88 -22.85
N ARG A 111 -1.02 7.70 -23.27
CA ARG A 111 -1.72 8.71 -24.04
C ARG A 111 -1.90 10.00 -23.26
N ALA A 112 -2.25 9.89 -21.99
CA ALA A 112 -2.46 11.04 -21.14
C ALA A 112 -1.15 11.79 -20.93
N TYR A 113 -0.10 11.06 -20.63
CA TYR A 113 1.19 11.64 -20.39
C TYR A 113 1.72 12.35 -21.64
N GLU A 114 1.58 11.70 -22.78
CA GLU A 114 2.14 12.26 -24.00
C GLU A 114 1.40 13.52 -24.42
N ALA A 115 0.13 13.65 -24.08
CA ALA A 115 -0.60 14.88 -24.31
C ALA A 115 -0.25 15.98 -23.32
N SER A 116 -0.02 15.64 -22.05
CA SER A 116 0.30 16.61 -21.01
C SER A 116 1.75 17.08 -21.09
N PHE A 117 2.66 16.23 -21.53
CA PHE A 117 4.09 16.47 -21.47
C PHE A 117 4.73 16.19 -22.82
N LYS A 118 4.42 17.04 -23.79
CA LYS A 118 4.89 16.85 -25.15
C LYS A 118 6.40 16.91 -25.25
N GLY A 119 6.96 16.01 -26.02
CA GLY A 119 8.37 15.93 -26.24
C GLY A 119 9.16 15.14 -25.22
N ARG A 120 8.45 14.45 -24.32
CA ARG A 120 9.10 13.67 -23.26
C ARG A 120 8.75 12.19 -23.36
N VAL A 121 9.63 11.36 -22.82
CA VAL A 121 9.45 9.90 -22.86
C VAL A 121 8.62 9.38 -21.68
N PHE A 122 7.62 8.57 -21.99
CA PHE A 122 6.83 7.87 -20.98
C PHE A 122 7.68 6.68 -20.49
N THR A 123 8.50 6.92 -19.48
CA THR A 123 9.39 5.90 -18.98
C THR A 123 8.63 4.91 -18.10
N HIS A 124 9.25 3.79 -17.78
CA HIS A 124 8.64 2.84 -16.86
C HIS A 124 8.36 3.45 -15.53
N GLU A 125 9.29 4.25 -15.05
CA GLU A 125 9.14 4.96 -13.78
CA GLU A 125 9.11 4.92 -13.77
C GLU A 125 7.91 5.85 -13.79
N ILE A 126 7.73 6.60 -14.84
CA ILE A 126 6.57 7.49 -14.97
C ILE A 126 5.29 6.67 -15.10
N ALA A 127 5.33 5.59 -15.88
CA ALA A 127 4.19 4.74 -16.04
C ALA A 127 3.74 4.17 -14.70
N TYR A 128 4.67 3.77 -13.87
CA TYR A 128 4.34 3.26 -12.55
C TYR A 128 3.79 4.36 -11.65
N LEU A 129 4.37 5.57 -11.70
CA LEU A 129 3.83 6.71 -10.97
C LEU A 129 2.36 6.90 -11.35
N TYR A 130 2.03 6.88 -12.64
CA TYR A 130 0.66 6.99 -13.07
C TYR A 130 -0.18 5.84 -12.57
N HIS A 131 0.34 4.61 -12.63
CA HIS A 131 -0.39 3.44 -12.12
C HIS A 131 -0.74 3.59 -10.66
N ASN A 132 0.26 3.94 -9.86
CA ASN A 132 0.12 4.00 -8.42
C ASN A 132 -0.67 5.18 -7.93
N GLN A 133 -0.44 6.36 -8.48
CA GLN A 133 -1.09 7.57 -7.99
C GLN A 133 -2.39 7.84 -8.70
N GLY A 134 -2.59 7.22 -9.87
CA GLY A 134 -3.66 7.61 -10.78
C GLY A 134 -3.24 8.77 -11.63
N ALA A 135 -3.82 8.89 -12.81
CA ALA A 135 -3.36 9.88 -13.76
C ALA A 135 -3.54 11.32 -13.30
N PRO A 136 -4.69 11.68 -12.71
CA PRO A 136 -4.82 13.07 -12.27
C PRO A 136 -3.77 13.44 -11.25
N ALA A 137 -3.53 12.61 -10.25
CA ALA A 137 -2.52 12.94 -9.25
C ALA A 137 -1.11 12.89 -9.81
N ALA A 138 -0.82 11.93 -10.67
CA ALA A 138 0.53 11.81 -11.23
C ALA A 138 0.85 13.04 -12.07
N GLU A 139 -0.10 13.54 -12.86
CA GLU A 139 0.13 14.72 -13.68
C GLU A 139 0.48 15.90 -12.78
N GLN A 140 -0.25 16.07 -11.69
CA GLN A 140 0.03 17.18 -10.79
C GLN A 140 1.38 17.01 -10.11
N TYR A 141 1.76 15.80 -9.73
CA TYR A 141 3.05 15.51 -9.15
C TYR A 141 4.17 15.94 -10.09
N LEU A 142 4.06 15.58 -11.37
CA LEU A 142 5.07 15.92 -12.34
C LEU A 142 5.11 17.42 -12.63
N THR A 143 3.94 18.02 -12.78
CA THR A 143 3.88 19.45 -13.10
C THR A 143 4.45 20.28 -11.96
N SER A 144 4.29 19.80 -10.73
CA SER A 144 4.80 20.45 -9.53
CA SER A 144 4.80 20.47 -9.54
C SER A 144 6.29 20.23 -9.29
N GLY A 145 6.95 19.53 -10.21
CA GLY A 145 8.39 19.33 -10.18
C GLY A 145 8.88 18.29 -9.19
N ARG A 146 8.01 17.37 -8.76
CA ARG A 146 8.39 16.44 -7.69
C ARG A 146 9.24 15.24 -8.13
N LEU A 147 9.32 14.96 -9.43
CA LEU A 147 10.16 13.85 -9.87
C LEU A 147 11.55 14.36 -10.15
N VAL A 148 12.55 13.74 -9.52
CA VAL A 148 13.95 14.08 -9.78
C VAL A 148 14.49 13.32 -11.00
N TYR A 149 15.23 13.99 -11.85
CA TYR A 149 15.71 13.42 -13.10
C TYR A 149 17.25 13.47 -13.07
N PRO A 150 17.93 12.52 -13.71
CA PRO A 150 19.40 12.43 -13.68
C PRO A 150 20.09 13.60 -14.38
N SER B 14 -9.37 -14.45 19.58
CA SER B 14 -8.82 -15.20 18.40
C SER B 14 -7.63 -14.46 17.80
N ARG B 15 -6.76 -15.21 17.15
CA ARG B 15 -5.52 -14.69 16.59
C ARG B 15 -5.31 -15.05 15.13
N VAL B 16 -4.56 -14.22 14.45
CA VAL B 16 -4.05 -14.54 13.12
C VAL B 16 -2.53 -14.51 13.21
N ARG B 17 -1.90 -15.33 12.41
CA ARG B 17 -0.46 -15.47 12.37
C ARG B 17 0.06 -15.02 11.02
N PHE B 18 1.13 -14.23 11.00
CA PHE B 18 1.79 -13.79 9.80
C PHE B 18 3.24 -14.20 9.86
N THR B 19 3.81 -14.64 8.74
CA THR B 19 5.19 -15.02 8.70
C THR B 19 6.12 -13.82 8.58
N THR B 20 7.34 -14.02 8.98
CA THR B 20 8.36 -13.00 8.84
C THR B 20 8.46 -12.52 7.39
N ALA B 21 8.46 -13.46 6.44
CA ALA B 21 8.57 -13.06 5.05
C ALA B 21 7.40 -12.22 4.57
N GLU B 22 6.19 -12.58 4.98
CA GLU B 22 4.99 -11.85 4.56
C GLU B 22 5.04 -10.42 5.08
N VAL B 23 5.38 -10.31 6.36
CA VAL B 23 5.46 -9.02 7.02
C VAL B 23 6.56 -8.17 6.43
N ASP B 24 7.72 -8.78 6.24
CA ASP B 24 8.83 -8.02 5.69
C ASP B 24 8.50 -7.44 4.32
N SER B 25 7.86 -8.26 3.47
CA SER B 25 7.50 -7.83 2.13
C SER B 25 6.49 -6.71 2.15
N ALA B 26 5.42 -6.88 2.93
CA ALA B 26 4.37 -5.88 2.96
C ALA B 26 4.88 -4.58 3.58
N VAL B 27 5.72 -4.69 4.64
CA VAL B 27 6.30 -3.50 5.26
C VAL B 27 7.16 -2.77 4.24
N ALA B 28 7.99 -3.51 3.49
CA ALA B 28 8.86 -2.84 2.52
C ALA B 28 8.04 -2.05 1.50
N ARG B 29 6.99 -2.69 0.95
CA ARG B 29 6.17 -2.07 -0.08
C ARG B 29 5.43 -0.89 0.43
N ILE B 30 4.71 -1.07 1.55
CA ILE B 30 3.83 -0.03 2.06
C ILE B 30 4.63 1.14 2.59
N SER B 31 5.72 0.84 3.28
CA SER B 31 6.56 1.92 3.82
C SER B 31 7.03 2.84 2.68
N GLN B 32 7.40 2.24 1.56
CA GLN B 32 7.81 3.01 0.39
C GLN B 32 6.63 3.81 -0.18
N LYS B 33 5.45 3.19 -0.30
CA LYS B 33 4.28 3.85 -0.88
C LYS B 33 3.82 5.10 -0.13
N ILE B 34 3.89 5.07 1.21
CA ILE B 34 3.37 6.17 2.03
C ILE B 34 4.42 6.99 2.79
N GLY B 35 5.68 6.63 2.63
CA GLY B 35 6.77 7.41 3.18
C GLY B 35 6.91 7.34 4.69
N VAL B 36 6.79 6.15 5.24
CA VAL B 36 7.01 5.86 6.63
C VAL B 36 8.19 4.91 6.68
N PRO B 37 9.14 5.09 7.58
CA PRO B 37 10.32 4.22 7.53
C PRO B 37 10.01 2.78 7.90
N ALA B 38 10.56 1.83 7.16
CA ALA B 38 10.35 0.43 7.45
C ALA B 38 10.80 0.08 8.85
N SER B 39 11.90 0.69 9.27
CA SER B 39 12.44 0.46 10.61
C SER B 39 11.50 0.83 11.74
N TYR B 40 10.58 1.76 11.50
CA TYR B 40 9.55 2.03 12.50
C TYR B 40 8.61 0.82 12.67
N TYR B 41 8.15 0.25 11.56
CA TYR B 41 7.35 -0.94 11.63
C TYR B 41 8.10 -2.07 12.32
N GLN B 42 9.36 -2.23 11.98
CA GLN B 42 10.18 -3.30 12.56
C GLN B 42 10.30 -3.15 14.09
N PHE B 43 10.26 -1.92 14.56
CA PHE B 43 10.30 -1.60 15.98
C PHE B 43 8.94 -1.86 16.64
N LEU B 44 7.87 -1.37 16.03
CA LEU B 44 6.55 -1.45 16.63
C LEU B 44 5.97 -2.85 16.67
N ILE B 45 6.14 -3.61 15.58
CA ILE B 45 5.40 -4.86 15.44
C ILE B 45 5.69 -5.87 16.58
N PRO B 46 6.96 -6.11 16.92
CA PRO B 46 7.25 -7.02 18.02
C PRO B 46 6.79 -6.52 19.37
N ILE B 47 6.65 -5.22 19.55
CA ILE B 47 6.16 -4.70 20.82
C ILE B 47 4.68 -4.94 20.98
N GLU B 48 3.91 -4.64 19.94
CA GLU B 48 2.46 -4.74 19.98
C GLU B 48 1.91 -6.15 19.89
N ASN B 49 2.71 -7.09 19.37
CA ASN B 49 2.19 -8.40 18.98
C ASN B 49 2.97 -9.53 19.61
N PHE B 50 2.50 -10.74 19.44
CA PHE B 50 3.17 -11.92 20.00
C PHE B 50 4.21 -12.41 19.00
N VAL B 51 5.46 -12.43 19.44
CA VAL B 51 6.50 -13.03 18.67
C VAL B 51 6.35 -14.57 18.77
N VAL B 52 6.29 -15.26 17.64
CA VAL B 52 6.11 -16.71 17.64
C VAL B 52 7.03 -17.30 16.63
N ALA B 53 7.14 -18.63 16.64
CA ALA B 53 7.97 -19.32 15.68
C ALA B 53 7.56 -18.92 14.25
N GLY B 54 8.53 -18.43 13.50
CA GLY B 54 8.32 -18.07 12.12
C GLY B 54 7.62 -16.74 11.83
N GLY B 55 7.28 -15.96 12.85
CA GLY B 55 6.61 -14.68 12.61
C GLY B 55 5.95 -14.10 13.83
N PHE B 56 4.72 -13.67 13.64
CA PHE B 56 3.99 -12.93 14.66
C PHE B 56 2.58 -13.43 14.70
N GLU B 57 1.99 -13.42 15.88
CA GLU B 57 0.56 -13.58 16.04
C GLU B 57 -0.04 -12.30 16.58
N THR B 58 -1.24 -11.97 16.13
CA THR B 58 -1.90 -10.76 16.54
C THR B 58 -3.34 -11.09 16.88
N THR B 59 -3.82 -10.42 17.91
CA THR B 59 -5.15 -10.64 18.40
C THR B 59 -6.11 -9.91 17.46
N VAL B 60 -7.17 -10.59 17.00
CA VAL B 60 -8.20 -10.02 16.11
C VAL B 60 -9.63 -10.11 16.67
N SER B 61 -9.72 -10.30 17.98
CA SER B 61 -10.99 -10.16 18.67
C SER B 61 -10.81 -9.09 19.71
N GLY B 62 -11.91 -8.68 20.33
CA GLY B 62 -11.80 -7.74 21.42
C GLY B 62 -11.58 -6.31 20.99
N SER B 63 -11.14 -5.50 21.93
CA SER B 63 -11.08 -4.08 21.70
C SER B 63 -9.89 -3.60 20.88
N PHE B 64 -8.78 -4.31 20.95
CA PHE B 64 -7.58 -3.87 20.26
C PHE B 64 -7.17 -4.98 19.31
N ARG B 65 -7.01 -4.65 18.03
CA ARG B 65 -6.92 -5.67 17.00
C ARG B 65 -5.80 -5.41 16.00
N GLY B 66 -5.22 -6.50 15.52
CA GLY B 66 -4.31 -6.48 14.40
C GLY B 66 -2.94 -6.02 14.75
N LEU B 67 -2.08 -5.92 13.74
CA LEU B 67 -0.68 -5.64 14.02
C LEU B 67 -0.45 -4.29 14.67
N GLY B 68 -1.34 -3.33 14.43
CA GLY B 68 -1.27 -2.05 15.11
C GLY B 68 -1.97 -1.98 16.46
N GLN B 69 -2.71 -3.03 16.81
CA GLN B 69 -3.50 -3.04 18.05
C GLN B 69 -4.33 -1.77 18.17
N PHE B 70 -5.05 -1.48 17.10
CA PHE B 70 -5.98 -0.39 17.03
C PHE B 70 -7.25 -0.72 17.77
N ASN B 71 -7.82 0.32 18.39
CA ASN B 71 -9.22 0.26 18.72
C ASN B 71 -10.08 0.83 17.59
N ARG B 72 -11.38 0.59 17.66
CA ARG B 72 -12.27 1.00 16.60
C ARG B 72 -12.29 2.51 16.43
N GLN B 73 -12.23 3.22 17.54
CA GLN B 73 -12.32 4.68 17.51
C GLN B 73 -11.14 5.29 16.78
N THR B 74 -9.94 4.75 16.99
CA THR B 74 -8.74 5.27 16.34
C THR B 74 -8.69 4.85 14.86
N TRP B 75 -9.10 3.61 14.57
CA TRP B 75 -9.18 3.15 13.17
C TRP B 75 -10.14 4.03 12.42
N ASP B 76 -11.34 4.22 12.97
CA ASP B 76 -12.31 5.11 12.34
C ASP B 76 -11.86 6.55 12.29
N GLY B 77 -11.07 6.99 13.27
CA GLY B 77 -10.49 8.31 13.21
C GLY B 77 -9.62 8.55 12.01
N LEU B 78 -8.90 7.52 11.57
CA LEU B 78 -8.14 7.64 10.33
C LEU B 78 -9.05 7.75 9.11
N ARG B 79 -10.08 6.93 9.10
CA ARG B 79 -11.10 7.01 8.05
C ARG B 79 -11.78 8.38 8.01
N ARG B 80 -11.93 9.03 9.15
CA ARG B 80 -12.52 10.38 9.21
CA ARG B 80 -12.54 10.36 9.18
C ARG B 80 -11.68 11.39 8.45
N LEU B 81 -10.36 11.15 8.41
CA LEU B 81 -9.43 12.02 7.70
C LEU B 81 -9.51 11.84 6.19
N GLY B 82 -10.23 10.81 5.74
CA GLY B 82 -10.30 10.50 4.32
C GLY B 82 -9.31 9.41 3.92
N ARG B 83 -8.67 8.79 4.91
CA ARG B 83 -7.86 7.61 4.60
C ARG B 83 -8.75 6.44 4.26
N ASN B 84 -8.40 5.74 3.18
CA ASN B 84 -9.13 4.60 2.68
C ASN B 84 -8.64 3.39 3.45
N LEU B 85 -9.50 2.91 4.34
CA LEU B 85 -9.28 1.66 5.02
C LEU B 85 -10.59 0.88 4.93
N PRO B 86 -10.51 -0.45 4.96
CA PRO B 86 -11.71 -1.25 5.19
C PRO B 86 -12.32 -0.98 6.56
N ALA B 87 -13.53 -1.47 6.79
CA ALA B 87 -14.12 -1.46 8.09
C ALA B 87 -13.18 -2.09 9.11
N PHE B 88 -13.17 -1.54 10.32
CA PHE B 88 -12.32 -2.00 11.41
C PHE B 88 -12.23 -3.53 11.53
N GLU B 89 -13.39 -4.18 11.55
CA GLU B 89 -13.44 -5.65 11.77
C GLU B 89 -12.73 -6.45 10.69
N GLU B 90 -12.82 -5.95 9.46
CA GLU B 90 -12.16 -6.61 8.34
C GLU B 90 -10.69 -6.24 8.26
N GLY B 91 -10.41 -4.95 8.27
CA GLY B 91 -9.07 -4.47 7.99
C GLY B 91 -8.08 -4.77 9.07
N SER B 92 -8.55 -4.80 10.32
CA SER B 92 -7.65 -5.03 11.43
C SER B 92 -7.16 -6.49 11.46
N ALA B 93 -7.85 -7.39 10.76
CA ALA B 93 -7.41 -8.78 10.67
C ALA B 93 -6.55 -9.01 9.42
N GLN B 94 -6.35 -7.94 8.62
CA GLN B 94 -5.61 -8.05 7.37
C GLN B 94 -4.22 -7.46 7.51
N LEU B 95 -3.27 -8.05 6.82
CA LEU B 95 -1.92 -7.60 6.85
C LEU B 95 -1.78 -6.19 6.27
N ASN B 96 -2.21 -6.02 5.02
CA ASN B 96 -1.96 -4.79 4.32
C ASN B 96 -2.69 -3.62 4.95
N ALA B 97 -3.99 -3.75 5.18
CA ALA B 97 -4.74 -2.65 5.73
C ALA B 97 -4.17 -2.23 7.08
N SER B 98 -3.80 -3.20 7.92
CA SER B 98 -3.26 -2.85 9.23
CA SER B 98 -3.27 -2.87 9.24
C SER B 98 -1.94 -2.12 9.14
N LEU B 99 -1.10 -2.47 8.17
CA LEU B 99 0.12 -1.75 7.97
C LEU B 99 -0.10 -0.36 7.43
N TYR B 100 -1.05 -0.18 6.52
CA TYR B 100 -1.42 1.17 6.07
C TYR B 100 -1.90 2.00 7.25
N ALA B 101 -2.74 1.43 8.11
CA ALA B 101 -3.28 2.17 9.25
C ALA B 101 -2.16 2.62 10.19
N ILE B 102 -1.23 1.71 10.51
CA ILE B 102 -0.11 2.08 11.32
C ILE B 102 0.61 3.28 10.74
N GLY B 103 0.80 3.25 9.41
CA GLY B 103 1.53 4.28 8.74
C GLY B 103 0.77 5.58 8.67
N PHE B 104 -0.51 5.52 8.37
CA PHE B 104 -1.31 6.75 8.36
C PHE B 104 -1.33 7.44 9.72
N LEU B 105 -1.35 6.64 10.77
CA LEU B 105 -1.33 7.17 12.12
C LEU B 105 0.05 7.80 12.41
N TYR B 106 1.13 7.10 12.04
CA TYR B 106 2.45 7.68 12.14
C TYR B 106 2.53 9.05 11.49
N LEU B 107 1.99 9.17 10.29
CA LEU B 107 2.07 10.43 9.55
C LEU B 107 1.30 11.54 10.25
N GLU B 108 0.13 11.24 10.80
CA GLU B 108 -0.64 12.24 11.52
C GLU B 108 0.16 12.65 12.74
N ASN B 109 0.71 11.66 13.44
CA ASN B 109 1.44 11.92 14.66
C ASN B 109 2.75 12.69 14.42
N LYS B 110 3.41 12.41 13.32
CA LYS B 110 4.64 13.10 12.96
C LYS B 110 4.34 14.58 12.78
N ARG B 111 3.28 14.87 12.05
CA ARG B 111 2.89 16.26 11.79
C ARG B 111 2.53 16.95 13.11
N ALA B 112 1.79 16.26 13.98
CA ALA B 112 1.43 16.80 15.31
C ALA B 112 2.65 17.09 16.15
N TYR B 113 3.58 16.14 16.20
CA TYR B 113 4.77 16.29 17.02
C TYR B 113 5.59 17.45 16.49
N GLU B 114 5.76 17.52 15.18
CA GLU B 114 6.64 18.54 14.60
C GLU B 114 6.05 19.95 14.78
N ALA B 115 4.72 20.03 14.86
CA ALA B 115 4.03 21.28 15.16
C ALA B 115 4.16 21.69 16.64
N SER B 116 4.09 20.71 17.53
CA SER B 116 4.19 20.94 18.97
C SER B 116 5.63 21.22 19.41
N PHE B 117 6.59 20.58 18.75
CA PHE B 117 7.98 20.61 19.16
C PHE B 117 8.87 20.97 17.99
N LYS B 118 8.90 22.25 17.65
CA LYS B 118 9.65 22.73 16.49
C LYS B 118 11.11 22.31 16.57
N GLY B 119 11.62 21.79 15.46
CA GLY B 119 13.02 21.41 15.36
C GLY B 119 13.40 20.05 15.93
N ARG B 120 12.47 19.37 16.60
CA ARG B 120 12.81 18.12 17.27
C ARG B 120 12.57 16.93 16.35
N VAL B 121 13.37 15.88 16.54
CA VAL B 121 13.26 14.67 15.72
C VAL B 121 12.14 13.76 16.24
N PHE B 122 11.25 13.40 15.33
CA PHE B 122 10.19 12.42 15.61
C PHE B 122 10.83 11.01 15.57
N THR B 123 11.40 10.59 16.68
CA THR B 123 12.11 9.32 16.75
C THR B 123 11.15 8.15 16.77
N HIS B 124 11.66 6.97 16.50
CA HIS B 124 10.80 5.77 16.58
C HIS B 124 10.21 5.58 17.94
N GLU B 125 10.97 5.87 18.98
CA GLU B 125 10.47 5.75 20.34
C GLU B 125 9.30 6.71 20.57
N ILE B 126 9.43 7.94 20.11
CA ILE B 126 8.38 8.92 20.28
C ILE B 126 7.17 8.55 19.42
N ALA B 127 7.42 8.06 18.22
CA ALA B 127 6.32 7.63 17.35
C ALA B 127 5.54 6.52 18.01
N TYR B 128 6.25 5.60 18.65
CA TYR B 128 5.60 4.53 19.36
C TYR B 128 4.78 5.04 20.55
N LEU B 129 5.33 6.02 21.30
CA LEU B 129 4.60 6.64 22.38
C LEU B 129 3.28 7.22 21.87
N TYR B 130 3.34 8.00 20.80
CA TYR B 130 2.14 8.53 20.17
C TYR B 130 1.17 7.41 19.76
N HIS B 131 1.68 6.35 19.15
CA HIS B 131 0.82 5.26 18.71
C HIS B 131 0.09 4.64 19.87
N ASN B 132 0.84 4.26 20.88
CA ASN B 132 0.27 3.54 22.00
C ASN B 132 -0.55 4.38 22.98
N GLN B 133 -0.14 5.61 23.25
CA GLN B 133 -0.82 6.46 24.22
C GLN B 133 -1.84 7.36 23.55
N GLY B 134 -1.74 7.52 22.24
CA GLY B 134 -2.54 8.52 21.54
C GLY B 134 -1.86 9.86 21.56
N ALA B 135 -2.14 10.69 20.58
CA ALA B 135 -1.45 11.95 20.43
C ALA B 135 -1.69 12.96 21.56
N PRO B 136 -2.95 13.16 21.97
CA PRO B 136 -3.17 14.08 23.07
C PRO B 136 -2.38 13.72 24.31
N ALA B 137 -2.42 12.47 24.76
CA ALA B 137 -1.69 12.05 25.93
C ALA B 137 -0.18 12.12 25.71
N ALA B 138 0.29 11.66 24.56
CA ALA B 138 1.72 11.68 24.30
C ALA B 138 2.25 13.12 24.33
N GLU B 139 1.55 14.04 23.68
CA GLU B 139 1.98 15.43 23.68
C GLU B 139 2.01 16.00 25.09
N GLN B 140 0.99 15.67 25.89
CA GLN B 140 0.90 16.17 27.26
C GLN B 140 2.08 15.66 28.08
N TYR B 141 2.42 14.40 27.88
CA TYR B 141 3.52 13.79 28.59
C TYR B 141 4.86 14.42 28.17
N LEU B 142 5.04 14.65 26.87
CA LEU B 142 6.32 15.19 26.39
C LEU B 142 6.48 16.67 26.78
N THR B 143 5.39 17.42 26.79
CA THR B 143 5.45 18.84 27.15
C THR B 143 5.64 19.01 28.66
N SER B 144 4.91 18.22 29.44
CA SER B 144 4.92 18.39 30.89
C SER B 144 6.02 17.57 31.54
N GLY B 145 6.41 16.47 30.90
CA GLY B 145 7.33 15.52 31.51
C GLY B 145 6.68 14.78 32.67
N ARG B 146 5.35 14.81 32.67
CA ARG B 146 4.53 14.46 33.82
C ARG B 146 3.32 13.62 33.37
N LEU B 147 2.78 12.82 34.29
CA LEU B 147 1.78 11.78 33.96
C LEU B 147 0.39 12.16 34.45
N VAL B 148 0.07 13.44 34.41
CA VAL B 148 -1.30 13.88 34.71
C VAL B 148 -1.96 14.31 33.41
N TYR B 149 -3.18 13.86 33.17
CA TYR B 149 -3.87 14.13 31.89
C TYR B 149 -5.29 14.63 32.08
N PRO B 150 -5.74 15.53 31.18
CA PRO B 150 -7.14 15.91 31.16
C PRO B 150 -8.00 14.79 30.56
N LYS B 151 -9.27 14.77 30.89
CA LYS B 151 -10.18 13.70 30.43
C LYS B 151 -11.26 14.22 29.46
#